data_7WW3
#
_entry.id   7WW3
#
_cell.length_a   59.315
_cell.length_b   59.315
_cell.length_c   189.318
_cell.angle_alpha   90.000
_cell.angle_beta   90.000
_cell.angle_gamma   120.000
#
_symmetry.space_group_name_H-M   'P 61 2 2'
#
loop_
_entity.id
_entity.type
_entity.pdbx_description
1 polymer 'Insulin-like growth factor 2 mRNA-binding protein 1'
2 water water
#
_entity_poly.entity_id   1
_entity_poly.type   'polypeptide(L)'
_entity_poly.pdbx_seq_one_letter_code
;MQAPEQEMVQVFIPAQAVGAIIGKKGQHIKQLSRFASASIKIAPPETPDSKVRMVVITGPPEAQFKAQGRIYGKLKEENF
FGPKEEVKLETHIRVPASAAGRVIGKGGKTVNELQNLTAAEVVVPRDQTPDENDQVIVKIIGHFYASQMAQRKIRDILAQ
VKQQHQKGQSNLAQARRK
;
_entity_poly.pdbx_strand_id   A
#
# COMPACT_ATOMS: atom_id res chain seq x y z
N ALA A 3 3.09 5.67 -20.88
CA ALA A 3 2.90 6.78 -19.93
C ALA A 3 2.71 6.26 -18.50
N PRO A 4 3.50 6.82 -17.56
CA PRO A 4 3.44 6.36 -16.17
C PRO A 4 2.05 6.48 -15.58
N GLU A 5 1.35 5.37 -15.42
CA GLU A 5 0.00 5.46 -14.87
C GLU A 5 0.05 5.68 -13.36
N GLN A 6 -0.97 6.38 -12.84
CA GLN A 6 -0.99 6.75 -11.44
C GLN A 6 -1.82 5.76 -10.66
N GLU A 7 -1.46 5.57 -9.39
CA GLU A 7 -2.24 4.68 -8.54
C GLU A 7 -2.41 5.32 -7.17
N MET A 8 -3.45 4.90 -6.48
CA MET A 8 -3.73 5.41 -5.15
C MET A 8 -3.52 4.26 -4.18
N VAL A 9 -2.74 4.49 -3.13
CA VAL A 9 -2.51 3.46 -2.12
C VAL A 9 -2.86 4.04 -0.75
N GLN A 10 -3.44 3.21 0.11
CA GLN A 10 -3.72 3.61 1.49
C GLN A 10 -2.82 2.83 2.44
N VAL A 11 -2.00 3.55 3.22
CA VAL A 11 -1.09 2.95 4.20
C VAL A 11 -1.59 3.29 5.59
N PHE A 12 -1.76 2.27 6.44
CA PHE A 12 -2.20 2.52 7.79
C PHE A 12 -1.02 2.60 8.76
N ILE A 13 -0.99 3.66 9.57
CA ILE A 13 0.13 3.89 10.49
C ILE A 13 -0.43 4.02 11.89
N PRO A 14 0.38 3.74 12.92
CA PRO A 14 -0.09 3.98 14.29
C PRO A 14 -0.52 5.42 14.45
N ALA A 15 -1.66 5.62 15.11
CA ALA A 15 -2.21 6.96 15.30
C ALA A 15 -1.18 7.92 15.87
N GLN A 16 -0.34 7.46 16.80
CA GLN A 16 0.56 8.37 17.47
C GLN A 16 1.68 8.85 16.55
N ALA A 17 1.85 8.19 15.41
CA ALA A 17 2.92 8.50 14.47
C ALA A 17 2.55 9.58 13.49
N VAL A 18 1.29 10.02 13.46
CA VAL A 18 0.88 11.05 12.52
C VAL A 18 1.75 12.29 12.66
N GLY A 19 2.10 12.66 13.90
CA GLY A 19 2.91 13.84 14.13
C GLY A 19 4.28 13.79 13.48
N ALA A 20 4.93 12.63 13.51
CA ALA A 20 6.24 12.51 12.87
C ALA A 20 6.14 12.47 11.34
N ILE A 21 5.05 11.90 10.80
CA ILE A 21 4.86 11.90 9.36
C ILE A 21 4.56 13.31 8.85
N ILE A 22 3.66 14.03 9.53
CA ILE A 22 3.38 15.41 9.13
C ILE A 22 4.58 16.30 9.38
N GLY A 23 5.15 16.25 10.58
CA GLY A 23 6.24 17.12 10.95
C GLY A 23 5.74 18.48 11.39
N LYS A 24 6.65 19.26 11.95
CA LYS A 24 6.25 20.58 12.43
C LYS A 24 5.91 21.48 11.24
N LYS A 25 4.76 22.16 11.35
CA LYS A 25 4.24 23.04 10.30
C LYS A 25 4.11 22.30 8.97
N GLY A 26 3.90 20.99 9.04
CA GLY A 26 3.79 20.17 7.86
C GLY A 26 5.08 20.02 7.08
N GLN A 27 6.22 20.42 7.64
CA GLN A 27 7.47 20.39 6.88
C GLN A 27 7.74 19.02 6.28
N HIS A 28 7.58 17.96 7.07
CA HIS A 28 8.01 16.65 6.60
C HIS A 28 7.10 16.12 5.49
N ILE A 29 5.78 16.35 5.58
CA ILE A 29 4.87 15.81 4.57
C ILE A 29 4.96 16.60 3.26
N LYS A 30 5.30 17.89 3.31
CA LYS A 30 5.52 18.61 2.06
C LYS A 30 6.76 18.09 1.35
N GLN A 31 7.88 18.00 2.07
CA GLN A 31 9.13 17.61 1.43
C GLN A 31 9.11 16.14 1.01
N LEU A 32 8.35 15.30 1.71
CA LEU A 32 8.17 13.93 1.24
C LEU A 32 7.40 13.91 -0.07
N SER A 33 6.40 14.76 -0.21
CA SER A 33 5.69 14.88 -1.49
C SER A 33 6.63 15.26 -2.61
N ARG A 34 7.53 16.22 -2.37
CA ARG A 34 8.47 16.62 -3.42
C ARG A 34 9.49 15.53 -3.73
N PHE A 35 9.99 14.84 -2.70
CA PHE A 35 10.98 13.79 -2.93
C PHE A 35 10.41 12.70 -3.81
N ALA A 36 9.27 12.15 -3.43
CA ALA A 36 8.61 11.07 -4.13
C ALA A 36 7.92 11.51 -5.40
N SER A 37 7.71 12.82 -5.57
CA SER A 37 6.80 13.32 -6.59
C SER A 37 5.45 12.62 -6.52
N ALA A 38 4.86 12.64 -5.32
CA ALA A 38 3.56 12.04 -5.04
C ALA A 38 2.72 13.00 -4.22
N SER A 39 1.40 12.85 -4.30
CA SER A 39 0.50 13.54 -3.38
C SER A 39 0.33 12.66 -2.15
N ILE A 40 0.53 13.26 -0.97
CA ILE A 40 0.54 12.47 0.27
C ILE A 40 -0.32 13.18 1.31
N LYS A 41 -1.36 12.50 1.79
CA LYS A 41 -2.34 13.15 2.66
C LYS A 41 -2.72 12.23 3.82
N ILE A 42 -2.91 12.82 5.00
CA ILE A 42 -3.48 12.07 6.13
C ILE A 42 -4.99 12.17 6.01
N ALA A 43 -5.66 11.04 5.86
CA ALA A 43 -7.10 11.06 5.75
C ALA A 43 -7.72 11.46 7.08
N PRO A 44 -8.90 12.09 7.04
CA PRO A 44 -9.57 12.43 8.29
C PRO A 44 -9.84 11.17 9.08
N PRO A 45 -9.81 11.24 10.40
CA PRO A 45 -10.11 10.06 11.21
C PRO A 45 -11.55 9.64 10.96
N GLU A 46 -11.78 8.33 10.78
CA GLU A 46 -13.16 7.85 10.75
C GLU A 46 -13.79 7.96 12.13
N THR A 47 -13.01 7.68 13.17
CA THR A 47 -13.45 7.88 14.55
C THR A 47 -12.27 8.08 15.50
N VAL A 52 -5.20 3.03 14.15
CA VAL A 52 -4.40 3.48 13.02
C VAL A 52 -5.04 4.69 12.33
N ARG A 53 -4.20 5.43 11.61
CA ARG A 53 -4.60 6.53 10.75
C ARG A 53 -4.17 6.18 9.35
N MET A 54 -4.83 6.74 8.36
CA MET A 54 -4.64 6.31 6.99
C MET A 54 -3.86 7.36 6.22
N VAL A 55 -2.72 6.98 5.68
CA VAL A 55 -1.99 7.83 4.74
C VAL A 55 -2.40 7.45 3.32
N VAL A 56 -2.87 8.44 2.56
CA VAL A 56 -3.29 8.26 1.17
C VAL A 56 -2.18 8.78 0.27
N ILE A 57 -1.59 7.89 -0.53
CA ILE A 57 -0.50 8.22 -1.44
C ILE A 57 -1.00 8.05 -2.87
N THR A 58 -0.90 9.10 -3.68
CA THR A 58 -1.31 9.05 -5.08
C THR A 58 -0.11 9.39 -5.96
N GLY A 59 0.17 8.52 -6.93
CA GLY A 59 1.27 8.73 -7.84
C GLY A 59 1.62 7.47 -8.61
N PRO A 60 2.52 7.60 -9.58
CA PRO A 60 2.97 6.43 -10.37
C PRO A 60 3.86 5.50 -9.54
N PRO A 61 4.26 4.34 -10.10
CA PRO A 61 4.86 3.30 -9.23
C PRO A 61 6.14 3.76 -8.55
N GLU A 62 6.97 4.53 -9.25
CA GLU A 62 8.20 4.98 -8.65
C GLU A 62 7.92 5.95 -7.52
N ALA A 63 6.89 6.79 -7.69
CA ALA A 63 6.51 7.70 -6.62
C ALA A 63 6.04 6.93 -5.41
N GLN A 64 5.23 5.89 -5.63
CA GLN A 64 4.76 5.04 -4.55
C GLN A 64 5.91 4.44 -3.78
N PHE A 65 6.93 3.94 -4.50
CA PHE A 65 8.08 3.32 -3.85
C PHE A 65 8.81 4.33 -2.95
N LYS A 66 9.09 5.52 -3.47
CA LYS A 66 9.82 6.52 -2.71
C LYS A 66 9.03 6.95 -1.47
N ALA A 67 7.74 7.27 -1.65
CA ALA A 67 6.92 7.77 -0.55
C ALA A 67 6.70 6.70 0.52
N GLN A 68 6.31 5.50 0.11
CA GLN A 68 6.13 4.41 1.06
C GLN A 68 7.44 4.09 1.76
N GLY A 69 8.53 4.01 1.01
CA GLY A 69 9.84 3.79 1.62
C GLY A 69 10.13 4.76 2.75
N ARG A 70 9.82 6.04 2.55
CA ARG A 70 10.12 7.07 3.54
C ARG A 70 9.20 6.98 4.74
N ILE A 71 7.96 6.54 4.56
CA ILE A 71 7.04 6.34 5.69
C ILE A 71 7.52 5.19 6.56
N TYR A 72 7.87 4.04 5.95
CA TYR A 72 8.45 2.97 6.74
C TYR A 72 9.73 3.42 7.43
N GLY A 73 10.57 4.18 6.71
CA GLY A 73 11.83 4.64 7.28
C GLY A 73 11.62 5.60 8.44
N LYS A 74 10.72 6.57 8.28
CA LYS A 74 10.44 7.52 9.36
C LYS A 74 9.94 6.81 10.61
N LEU A 75 9.04 5.84 10.44
CA LEU A 75 8.54 5.11 11.60
C LEU A 75 9.64 4.33 12.29
N LYS A 76 10.51 3.71 11.50
CA LYS A 76 11.68 3.07 12.08
C LYS A 76 12.52 4.07 12.87
N GLU A 77 12.89 5.19 12.24
CA GLU A 77 13.77 6.16 12.90
C GLU A 77 13.18 6.71 14.19
N GLU A 78 11.85 6.78 14.30
CA GLU A 78 11.22 7.34 15.50
C GLU A 78 10.97 6.28 16.59
N ASN A 79 11.54 5.08 16.44
CA ASN A 79 11.36 3.96 17.39
C ASN A 79 9.88 3.69 17.68
N PHE A 80 9.05 3.75 16.63
CA PHE A 80 7.63 3.50 16.86
C PHE A 80 7.31 2.02 17.07
N PHE A 81 8.18 1.11 16.63
CA PHE A 81 7.88 -0.32 16.73
C PHE A 81 8.68 -1.00 17.85
N GLY A 82 9.99 -0.85 17.83
CA GLY A 82 10.82 -1.47 18.82
C GLY A 82 12.24 -1.55 18.30
N PRO A 83 13.17 -1.85 19.19
CA PRO A 83 14.58 -1.86 18.77
C PRO A 83 14.91 -2.96 17.78
N LYS A 84 14.43 -4.19 18.01
CA LYS A 84 14.78 -5.32 17.16
C LYS A 84 13.72 -5.57 16.08
N GLU A 85 12.74 -4.67 15.96
CA GLU A 85 11.51 -4.91 15.21
C GLU A 85 11.53 -4.22 13.85
N GLU A 86 11.41 -5.01 12.79
CA GLU A 86 11.19 -4.45 11.46
C GLU A 86 9.82 -3.79 11.38
N VAL A 87 9.73 -2.67 10.67
CA VAL A 87 8.45 -1.99 10.54
C VAL A 87 7.56 -2.81 9.61
N LYS A 88 6.37 -3.16 10.09
CA LYS A 88 5.39 -3.91 9.33
C LYS A 88 4.07 -3.16 9.33
N LEU A 89 3.57 -2.83 8.14
CA LEU A 89 2.40 -2.01 8.02
C LEU A 89 1.36 -2.69 7.14
N GLU A 90 0.10 -2.32 7.36
CA GLU A 90 -1.01 -2.72 6.49
C GLU A 90 -1.25 -1.68 5.40
N THR A 91 -1.42 -2.16 4.17
CA THR A 91 -1.67 -1.33 2.99
C THR A 91 -2.89 -1.88 2.25
N HIS A 92 -3.80 -1.01 1.84
CA HIS A 92 -4.93 -1.38 1.00
C HIS A 92 -4.75 -0.82 -0.40
N ILE A 93 -4.90 -1.67 -1.41
CA ILE A 93 -4.92 -1.22 -2.80
C ILE A 93 -6.24 -1.66 -3.44
N ARG A 94 -6.58 -1.00 -4.53
CA ARG A 94 -7.83 -1.28 -5.26
C ARG A 94 -7.51 -1.96 -6.58
N VAL A 95 -8.25 -3.02 -6.91
CA VAL A 95 -8.03 -3.69 -8.19
C VAL A 95 -9.38 -3.82 -8.89
N PRO A 96 -9.42 -3.87 -10.21
CA PRO A 96 -10.68 -4.22 -10.89
C PRO A 96 -11.29 -5.48 -10.27
N ALA A 97 -12.59 -5.39 -9.94
CA ALA A 97 -13.32 -6.58 -9.54
C ALA A 97 -13.16 -7.70 -10.56
N SER A 98 -13.20 -7.37 -11.85
CA SER A 98 -13.10 -8.42 -12.86
C SER A 98 -11.73 -9.07 -12.84
N ALA A 99 -10.74 -8.45 -12.19
CA ALA A 99 -9.39 -9.00 -12.10
C ALA A 99 -9.08 -9.64 -10.75
N ALA A 100 -9.89 -9.38 -9.72
CA ALA A 100 -9.64 -9.94 -8.41
C ALA A 100 -9.52 -11.47 -8.46
N GLY A 101 -10.40 -12.13 -9.22
CA GLY A 101 -10.31 -13.57 -9.34
C GLY A 101 -8.99 -14.06 -9.90
N ARG A 102 -8.28 -13.20 -10.63
CA ARG A 102 -6.97 -13.53 -11.19
C ARG A 102 -5.85 -13.25 -10.17
N VAL A 103 -6.05 -12.31 -9.26
CA VAL A 103 -5.13 -12.12 -8.14
C VAL A 103 -5.21 -13.30 -7.17
N ILE A 104 -6.42 -13.80 -6.93
CA ILE A 104 -6.60 -15.01 -6.12
C ILE A 104 -6.10 -16.24 -6.86
N GLY A 105 -6.37 -16.32 -8.16
CA GLY A 105 -6.07 -17.51 -8.93
C GLY A 105 -7.13 -18.59 -8.77
N LYS A 106 -7.10 -19.55 -9.69
CA LYS A 106 -7.98 -20.71 -9.56
C LYS A 106 -7.59 -21.48 -8.32
N GLY A 107 -8.59 -21.83 -7.52
CA GLY A 107 -8.33 -22.54 -6.28
C GLY A 107 -7.59 -21.72 -5.24
N GLY A 108 -7.00 -20.59 -5.64
CA GLY A 108 -6.26 -19.75 -4.73
C GLY A 108 -4.75 -19.78 -4.89
N LYS A 109 -4.24 -20.23 -6.04
CA LYS A 109 -2.83 -20.60 -6.16
C LYS A 109 -1.92 -19.39 -6.32
N THR A 110 -2.43 -18.32 -6.92
CA THR A 110 -1.59 -17.15 -7.12
C THR A 110 -1.40 -16.34 -5.85
N VAL A 111 -2.47 -16.11 -5.09
CA VAL A 111 -2.30 -15.41 -3.82
C VAL A 111 -1.42 -16.24 -2.88
N ASN A 112 -1.53 -17.57 -2.94
CA ASN A 112 -0.64 -18.43 -2.16
C ASN A 112 0.82 -18.26 -2.55
N GLU A 113 1.11 -18.32 -3.86
CA GLU A 113 2.47 -18.12 -4.36
C GLU A 113 3.01 -16.75 -3.98
N LEU A 114 2.20 -15.71 -4.17
CA LEU A 114 2.53 -14.36 -3.71
C LEU A 114 3.02 -14.36 -2.28
N GLN A 115 2.20 -14.88 -1.39
CA GLN A 115 2.52 -14.94 0.03
C GLN A 115 3.78 -15.78 0.27
N ASN A 116 3.92 -16.91 -0.41
CA ASN A 116 5.12 -17.72 -0.18
C ASN A 116 6.39 -17.04 -0.71
N LEU A 117 6.28 -16.27 -1.80
CA LEU A 117 7.48 -15.65 -2.36
C LEU A 117 7.90 -14.43 -1.53
N THR A 118 6.93 -13.62 -1.07
CA THR A 118 7.24 -12.35 -0.46
C THR A 118 7.21 -12.39 1.07
N ALA A 119 6.52 -13.38 1.65
CA ALA A 119 6.21 -13.40 3.08
C ALA A 119 5.40 -12.21 3.50
N ALA A 120 4.74 -11.55 2.54
CA ALA A 120 3.69 -10.61 2.85
C ALA A 120 2.41 -11.38 3.05
N GLU A 121 1.58 -10.93 3.98
CA GLU A 121 0.23 -11.45 3.99
C GLU A 121 -0.62 -10.63 3.02
N VAL A 122 -1.35 -11.35 2.17
CA VAL A 122 -2.13 -10.79 1.06
C VAL A 122 -3.48 -11.48 1.11
N VAL A 123 -4.54 -10.69 1.19
CA VAL A 123 -5.89 -11.12 1.54
C VAL A 123 -6.85 -10.39 0.65
N VAL A 124 -7.70 -11.14 -0.05
CA VAL A 124 -8.76 -10.50 -0.82
C VAL A 124 -10.07 -10.86 -0.14
N PRO A 125 -10.67 -9.92 0.59
CA PRO A 125 -11.93 -10.23 1.28
C PRO A 125 -12.99 -10.65 0.25
N ARG A 126 -13.79 -11.67 0.57
CA ARG A 126 -14.59 -12.30 -0.48
C ARG A 126 -16.01 -11.79 -0.61
N ASP A 127 -16.50 -10.95 0.30
CA ASP A 127 -17.89 -10.54 0.31
C ASP A 127 -18.08 -9.07 -0.09
N GLN A 128 -17.15 -8.52 -0.88
CA GLN A 128 -17.11 -7.08 -1.15
C GLN A 128 -18.11 -6.65 -2.21
N THR A 129 -18.57 -5.39 -2.08
CA THR A 129 -19.30 -4.68 -3.12
C THR A 129 -18.34 -3.79 -3.87
N PRO A 130 -18.15 -3.98 -5.17
CA PRO A 130 -17.23 -3.11 -5.91
C PRO A 130 -17.68 -1.66 -5.75
N ASP A 131 -16.70 -0.76 -5.75
CA ASP A 131 -16.97 0.66 -5.58
C ASP A 131 -17.44 1.23 -6.90
N GLU A 132 -17.49 2.57 -7.01
CA GLU A 132 -18.09 3.13 -8.22
C GLU A 132 -17.18 2.95 -9.42
N ASN A 133 -15.92 2.56 -9.20
CA ASN A 133 -14.98 2.26 -10.28
C ASN A 133 -14.86 0.75 -10.54
N ASP A 134 -15.79 -0.04 -10.00
N ASP A 134 -15.88 -0.04 -10.18
CA ASP A 134 -15.82 -1.48 -10.21
CA ASP A 134 -15.84 -1.53 -10.17
C ASP A 134 -14.61 -2.16 -9.56
C ASP A 134 -14.52 -2.07 -9.62
N GLN A 135 -14.10 -1.56 -8.48
CA GLN A 135 -12.87 -2.03 -7.86
C GLN A 135 -13.14 -2.52 -6.44
N VAL A 136 -12.28 -3.43 -5.96
CA VAL A 136 -12.40 -4.06 -4.66
C VAL A 136 -11.03 -3.95 -4.00
N ILE A 137 -10.99 -4.16 -2.67
CA ILE A 137 -9.76 -4.05 -1.86
C ILE A 137 -8.96 -5.35 -1.91
N VAL A 138 -7.64 -5.19 -2.02
CA VAL A 138 -6.67 -6.20 -1.61
C VAL A 138 -5.90 -5.65 -0.42
N LYS A 139 -5.75 -6.46 0.63
CA LYS A 139 -5.02 -6.06 1.84
C LYS A 139 -3.64 -6.69 1.81
N ILE A 140 -2.61 -5.87 2.06
CA ILE A 140 -1.21 -6.30 2.11
C ILE A 140 -0.63 -5.88 3.45
N ILE A 141 -0.11 -6.85 4.21
CA ILE A 141 0.61 -6.58 5.45
C ILE A 141 2.01 -7.16 5.33
N GLY A 142 3.02 -6.33 5.52
CA GLY A 142 4.37 -6.88 5.60
C GLY A 142 5.40 -5.78 5.76
N HIS A 143 6.67 -6.20 5.78
N HIS A 143 6.66 -6.19 5.79
CA HIS A 143 7.76 -5.22 5.80
CA HIS A 143 7.76 -5.24 5.79
C HIS A 143 7.82 -4.48 4.45
C HIS A 143 7.81 -4.48 4.45
N PHE A 144 8.68 -3.47 4.39
CA PHE A 144 8.70 -2.58 3.22
C PHE A 144 8.92 -3.36 1.95
N TYR A 145 9.96 -4.19 1.92
CA TYR A 145 10.30 -4.94 0.71
C TYR A 145 9.21 -5.93 0.35
N ALA A 146 8.70 -6.68 1.35
CA ALA A 146 7.63 -7.63 1.07
C ALA A 146 6.41 -6.92 0.50
N SER A 147 6.04 -5.78 1.08
CA SER A 147 4.84 -5.07 0.60
C SER A 147 5.07 -4.53 -0.81
N GLN A 148 6.26 -4.00 -1.08
CA GLN A 148 6.58 -3.50 -2.41
C GLN A 148 6.47 -4.61 -3.45
N MET A 149 6.99 -5.78 -3.10
CA MET A 149 7.04 -6.90 -4.04
C MET A 149 5.65 -7.47 -4.28
N ALA A 150 4.80 -7.50 -3.25
CA ALA A 150 3.40 -7.89 -3.42
C ALA A 150 2.67 -6.89 -4.33
N GLN A 151 2.87 -5.59 -4.08
CA GLN A 151 2.23 -4.57 -4.92
C GLN A 151 2.71 -4.66 -6.37
N ARG A 152 4.01 -4.79 -6.58
CA ARG A 152 4.54 -4.85 -7.94
C ARG A 152 3.99 -6.06 -8.67
N LYS A 153 3.94 -7.22 -8.00
CA LYS A 153 3.40 -8.44 -8.60
C LYS A 153 1.93 -8.29 -8.95
N ILE A 154 1.14 -7.75 -8.03
CA ILE A 154 -0.30 -7.59 -8.28
C ILE A 154 -0.54 -6.65 -9.46
N ARG A 155 0.21 -5.55 -9.52
CA ARG A 155 0.17 -4.66 -10.67
C ARG A 155 0.43 -5.39 -11.98
N ASP A 156 1.46 -6.23 -12.01
CA ASP A 156 1.79 -7.00 -13.21
C ASP A 156 0.67 -7.97 -13.57
N ILE A 157 0.00 -8.58 -12.58
CA ILE A 157 -1.14 -9.45 -12.86
C ILE A 157 -2.25 -8.64 -13.54
N LEU A 158 -2.56 -7.49 -12.97
CA LEU A 158 -3.63 -6.64 -13.49
C LEU A 158 -3.36 -6.25 -14.94
N ALA A 159 -2.13 -5.80 -15.22
CA ALA A 159 -1.77 -5.45 -16.59
C ALA A 159 -1.91 -6.63 -17.54
N GLN A 160 -1.71 -7.86 -17.04
CA GLN A 160 -1.90 -9.03 -17.89
C GLN A 160 -3.36 -9.21 -18.23
N VAL A 161 -4.23 -9.17 -17.21
CA VAL A 161 -5.67 -9.37 -17.45
C VAL A 161 -6.19 -8.31 -18.40
N LYS A 162 -5.64 -7.09 -18.34
CA LYS A 162 -6.15 -5.98 -19.15
C LYS A 162 -5.95 -6.25 -20.63
N GLN A 163 -4.75 -6.65 -21.04
CA GLN A 163 -4.53 -7.06 -22.43
C GLN A 163 -5.53 -8.14 -22.83
N GLN A 164 -5.44 -9.29 -22.18
CA GLN A 164 -6.32 -10.40 -22.50
C GLN A 164 -7.73 -10.14 -21.96
#